data_1GJH
#
_entry.id   1GJH
#
_cell.length_a   1.000
_cell.length_b   1.000
_cell.length_c   1.000
_cell.angle_alpha   90.00
_cell.angle_beta   90.00
_cell.angle_gamma   90.00
#
_symmetry.space_group_name_H-M   'P 1'
#
_entity_poly.entity_id   1
_entity_poly.type   'polypeptide(L)'
_entity_poly.pdbx_seq_one_letter_code
;MAHAGRTGYDNREIVMKYIHYKLSQRGYEWDAGDDVEENRTEAPEGTESEVVHLTLRQAGDDFSRRYRRDFAEMSSQLHL
TPFTARGRFATVVEELFRDGVNWGRIVAFFEFGGVMCVESVNREMSPLVDNIALWMTEYLNRHLHTWIQDNGGWDAFVEL
YGPSMR
;
_entity_poly.pdbx_strand_id   A
#
# COMPACT_ATOMS: atom_id res chain seq x y z
N HIS A 3 14.31 -17.26 13.40
CA HIS A 3 14.52 -15.80 13.39
C HIS A 3 13.67 -15.11 12.34
N ALA A 4 13.93 -13.83 12.12
CA ALA A 4 13.17 -13.06 11.14
C ALA A 4 13.68 -11.63 11.05
N GLY A 5 14.84 -11.45 10.41
CA GLY A 5 15.40 -10.13 10.27
C GLY A 5 15.42 -9.35 11.57
N ARG A 6 15.71 -8.06 11.48
CA ARG A 6 15.76 -7.20 12.66
C ARG A 6 15.24 -5.81 12.34
N THR A 7 14.31 -5.72 11.40
CA THR A 7 13.74 -4.44 11.00
C THR A 7 12.36 -4.23 11.63
N GLY A 8 11.49 -5.23 11.48
CA GLY A 8 10.16 -5.14 12.03
C GLY A 8 9.12 -4.76 11.00
N TYR A 9 9.33 -5.21 9.76
CA TYR A 9 8.40 -4.91 8.68
C TYR A 9 6.96 -5.19 9.10
N ASP A 10 6.03 -4.37 8.61
CA ASP A 10 4.63 -4.53 8.95
C ASP A 10 3.74 -4.02 7.81
N ASN A 11 3.02 -4.94 7.18
CA ASN A 11 2.12 -4.60 6.07
C ASN A 11 1.26 -3.39 6.43
N ARG A 12 0.95 -3.25 7.71
CA ARG A 12 0.12 -2.13 8.17
C ARG A 12 0.89 -0.82 8.07
N GLU A 13 2.15 -0.83 8.48
CA GLU A 13 2.99 0.36 8.43
C GLU A 13 3.34 0.71 6.98
N ILE A 14 3.65 -0.31 6.19
CA ILE A 14 4.00 -0.11 4.79
C ILE A 14 2.90 0.63 4.05
N VAL A 15 1.67 0.14 4.16
CA VAL A 15 0.53 0.76 3.49
C VAL A 15 0.26 2.15 4.07
N MET A 16 0.42 2.28 5.38
CA MET A 16 0.18 3.56 6.04
C MET A 16 1.07 4.66 5.46
N LYS A 17 2.37 4.37 5.37
CA LYS A 17 3.32 5.33 4.83
C LYS A 17 3.03 5.62 3.36
N TYR A 18 2.78 4.57 2.59
CA TYR A 18 2.47 4.72 1.17
C TYR A 18 1.24 5.58 0.97
N ILE A 19 0.11 5.12 1.49
CA ILE A 19 -1.15 5.87 1.37
C ILE A 19 -0.96 7.30 1.83
N HIS A 20 -0.30 7.47 2.98
CA HIS A 20 -0.06 8.79 3.54
C HIS A 20 0.41 9.76 2.48
N TYR A 21 1.59 9.53 1.92
CA TYR A 21 2.13 10.39 0.88
C TYR A 21 1.09 10.63 -0.21
N LYS A 22 0.32 9.59 -0.53
CA LYS A 22 -0.73 9.69 -1.54
C LYS A 22 -1.74 10.76 -1.17
N LEU A 23 -1.91 10.98 0.13
CA LEU A 23 -2.84 11.99 0.62
C LEU A 23 -2.13 13.33 0.76
N SER A 24 -0.95 13.30 1.38
CA SER A 24 -0.15 14.50 1.57
C SER A 24 0.06 15.24 0.25
N GLN A 25 -0.01 14.50 -0.86
CA GLN A 25 0.16 15.10 -2.17
C GLN A 25 -0.82 16.25 -2.35
N ARG A 26 -2.05 16.03 -1.90
CA ARG A 26 -3.09 17.05 -1.99
C ARG A 26 -3.02 17.98 -0.79
N GLY A 27 -2.89 17.41 0.40
CA GLY A 27 -2.81 18.22 1.61
C GLY A 27 -3.77 17.78 2.70
N TYR A 28 -4.60 16.77 2.41
CA TYR A 28 -5.55 16.28 3.39
C TYR A 28 -4.83 15.58 4.54
N GLU A 29 -4.83 16.22 5.71
CA GLU A 29 -4.17 15.67 6.89
C GLU A 29 -4.85 14.39 7.36
N TRP A 30 -4.48 13.27 6.76
CA TRP A 30 -5.04 11.98 7.12
C TRP A 30 -4.76 11.67 8.59
N ASP A 31 -5.83 11.40 9.34
CA ASP A 31 -5.69 11.08 10.76
C ASP A 31 -5.43 9.58 10.97
N ALA A 32 -4.34 9.10 10.39
CA ALA A 32 -3.98 7.69 10.49
C ALA A 32 -3.55 7.35 11.92
N GLY A 33 -2.58 8.09 12.44
CA GLY A 33 -2.11 7.85 13.79
C GLY A 33 -2.93 8.57 14.84
N ASP A 34 -4.17 8.14 15.01
CA ASP A 34 -5.06 8.75 16.00
C ASP A 34 -4.36 8.88 17.36
N ASP A 35 -3.49 7.92 17.65
CA ASP A 35 -2.76 7.93 18.92
C ASP A 35 -1.59 8.91 18.86
N VAL A 36 -1.90 10.20 18.94
CA VAL A 36 -0.87 11.24 18.90
C VAL A 36 -0.35 11.55 20.31
N GLU A 37 0.12 10.51 21.00
CA GLU A 37 0.65 10.67 22.34
C GLU A 37 2.17 10.47 22.36
N GLU A 38 2.83 10.96 21.31
CA GLU A 38 4.29 10.83 21.19
C GLU A 38 4.77 9.44 21.59
N ASN A 39 4.75 8.53 20.63
CA ASN A 39 5.18 7.16 20.88
C ASN A 39 6.59 6.92 20.32
N ARG A 40 7.59 7.15 21.16
CA ARG A 40 8.99 6.96 20.75
C ARG A 40 9.58 5.72 21.42
N THR A 41 8.94 4.58 21.20
CA THR A 41 9.42 3.32 21.77
C THR A 41 10.91 3.13 21.50
N GLU A 42 11.23 2.72 20.28
CA GLU A 42 12.62 2.49 19.90
C GLU A 42 13.09 3.55 18.90
N ALA A 43 12.54 4.75 19.03
CA ALA A 43 12.92 5.84 18.14
C ALA A 43 12.43 5.60 16.72
N PRO A 44 12.15 6.68 15.97
CA PRO A 44 11.67 6.59 14.59
C PRO A 44 12.75 6.10 13.63
N GLU A 45 14.01 6.36 13.97
CA GLU A 45 15.13 5.96 13.14
C GLU A 45 15.00 4.50 12.69
N GLY A 46 14.84 4.29 11.39
CA GLY A 46 14.70 2.95 10.85
C GLY A 46 15.28 2.82 9.46
N THR A 47 16.53 3.23 9.31
CA THR A 47 17.20 3.15 8.01
C THR A 47 17.00 1.79 7.36
N GLU A 48 16.89 0.76 8.19
CA GLU A 48 16.70 -0.60 7.69
C GLU A 48 15.54 -0.65 6.70
N SER A 49 14.32 -0.54 7.20
CA SER A 49 13.12 -0.59 6.37
C SER A 49 12.86 0.72 5.62
N GLU A 50 13.78 1.67 5.68
CA GLU A 50 13.60 2.93 4.97
C GLU A 50 13.95 2.74 3.50
N VAL A 51 15.09 2.12 3.27
CA VAL A 51 15.55 1.84 1.92
C VAL A 51 14.45 1.17 1.12
N VAL A 52 13.64 0.36 1.80
CA VAL A 52 12.55 -0.36 1.17
C VAL A 52 11.39 0.57 0.87
N HIS A 53 11.05 1.42 1.83
CA HIS A 53 9.95 2.37 1.65
C HIS A 53 10.15 3.20 0.39
N LEU A 54 11.25 3.94 0.33
CA LEU A 54 11.56 4.77 -0.82
C LEU A 54 11.39 4.00 -2.11
N THR A 55 11.67 2.70 -2.07
CA THR A 55 11.55 1.85 -3.25
C THR A 55 10.09 1.57 -3.57
N LEU A 56 9.37 1.00 -2.61
CA LEU A 56 7.95 0.68 -2.80
C LEU A 56 7.16 1.93 -3.19
N ARG A 57 7.17 2.93 -2.31
CA ARG A 57 6.45 4.17 -2.57
C ARG A 57 6.80 4.73 -3.94
N GLN A 58 8.08 4.97 -4.18
CA GLN A 58 8.53 5.52 -5.46
C GLN A 58 8.16 4.58 -6.61
N ALA A 59 8.68 3.36 -6.57
CA ALA A 59 8.42 2.37 -7.60
C ALA A 59 6.92 2.31 -7.93
N GLY A 60 6.12 1.95 -6.92
CA GLY A 60 4.69 1.84 -7.12
C GLY A 60 4.10 2.98 -7.92
N ASP A 61 4.40 4.22 -7.51
CA ASP A 61 3.89 5.38 -8.21
C ASP A 61 4.42 5.43 -9.63
N ASP A 62 5.61 4.86 -9.82
CA ASP A 62 6.24 4.83 -11.13
C ASP A 62 5.46 3.93 -12.08
N PHE A 63 5.05 2.77 -11.57
CA PHE A 63 4.30 1.81 -12.37
C PHE A 63 2.98 2.44 -12.85
N SER A 64 2.13 2.81 -11.90
CA SER A 64 0.84 3.42 -12.21
C SER A 64 1.01 4.52 -13.25
N ARG A 65 2.08 5.30 -13.11
CA ARG A 65 2.36 6.39 -14.04
C ARG A 65 2.48 5.86 -15.47
N ARG A 66 3.03 4.66 -15.60
CA ARG A 66 3.19 4.02 -16.89
C ARG A 66 1.87 3.49 -17.44
N TYR A 67 0.86 3.36 -16.57
CA TYR A 67 -0.44 2.86 -16.99
C TYR A 67 -1.50 3.94 -16.84
N ARG A 68 -1.81 4.61 -17.95
CA ARG A 68 -2.82 5.67 -17.94
C ARG A 68 -4.22 5.09 -17.87
N ARG A 69 -4.47 4.03 -18.63
CA ARG A 69 -5.78 3.38 -18.66
C ARG A 69 -5.65 1.91 -18.27
N ASP A 70 -5.95 1.60 -17.01
CA ASP A 70 -5.88 0.24 -16.51
C ASP A 70 -6.43 0.14 -15.10
N PHE A 71 -5.96 1.03 -14.21
CA PHE A 71 -6.41 1.03 -12.83
C PHE A 71 -7.42 2.16 -12.59
N ALA A 72 -7.25 3.26 -13.34
CA ALA A 72 -8.14 4.41 -13.21
C ALA A 72 -9.42 4.19 -14.01
N GLU A 73 -9.27 3.90 -15.30
CA GLU A 73 -10.41 3.68 -16.17
C GLU A 73 -11.37 2.67 -15.56
N MET A 74 -10.82 1.72 -14.80
CA MET A 74 -11.63 0.69 -14.16
C MET A 74 -12.31 1.24 -12.91
N SER A 75 -11.64 2.17 -12.24
CA SER A 75 -12.19 2.77 -11.02
C SER A 75 -13.62 3.23 -11.24
N SER A 76 -13.92 3.65 -12.46
CA SER A 76 -15.26 4.12 -12.81
C SER A 76 -16.32 3.14 -12.32
N GLN A 77 -15.97 1.86 -12.29
CA GLN A 77 -16.89 0.82 -11.85
C GLN A 77 -16.75 0.57 -10.35
N LEU A 78 -16.93 1.63 -9.56
CA LEU A 78 -16.82 1.54 -8.11
C LEU A 78 -17.78 2.51 -7.43
N HIS A 79 -19.02 2.09 -7.24
CA HIS A 79 -20.02 2.93 -6.59
C HIS A 79 -19.50 3.48 -5.27
N LEU A 80 -19.77 4.76 -5.02
CA LEU A 80 -19.33 5.41 -3.79
C LEU A 80 -20.48 5.49 -2.78
N THR A 81 -20.46 4.60 -1.80
CA THR A 81 -21.50 4.56 -0.78
C THR A 81 -21.05 3.75 0.43
N PRO A 82 -21.56 4.08 1.61
CA PRO A 82 -21.21 3.38 2.86
C PRO A 82 -21.77 1.97 2.90
N PHE A 83 -21.34 1.13 1.97
CA PHE A 83 -21.80 -0.26 1.90
C PHE A 83 -21.09 -1.00 0.78
N THR A 84 -20.90 -2.31 0.98
CA THR A 84 -20.24 -3.14 -0.02
C THR A 84 -18.95 -2.50 -0.49
N ALA A 85 -18.30 -1.76 0.40
CA ALA A 85 -17.05 -1.08 0.08
C ALA A 85 -15.90 -2.08 0.00
N ARG A 86 -15.83 -2.97 0.99
CA ARG A 86 -14.78 -3.97 1.04
C ARG A 86 -15.06 -5.10 0.06
N GLY A 87 -16.35 -5.38 -0.15
CA GLY A 87 -16.74 -6.44 -1.06
C GLY A 87 -16.29 -6.17 -2.49
N ARG A 88 -16.22 -4.89 -2.85
CA ARG A 88 -15.80 -4.52 -4.20
C ARG A 88 -14.28 -4.46 -4.30
N PHE A 89 -13.63 -4.11 -3.19
CA PHE A 89 -12.18 -4.02 -3.15
C PHE A 89 -11.54 -5.40 -3.32
N ALA A 90 -12.06 -6.38 -2.59
CA ALA A 90 -11.55 -7.74 -2.66
C ALA A 90 -11.61 -8.27 -4.08
N THR A 91 -12.70 -7.97 -4.78
CA THR A 91 -12.88 -8.43 -6.16
C THR A 91 -11.78 -7.87 -7.06
N VAL A 92 -11.35 -6.65 -6.78
CA VAL A 92 -10.31 -6.01 -7.57
C VAL A 92 -8.95 -6.66 -7.34
N VAL A 93 -8.54 -6.77 -6.09
CA VAL A 93 -7.26 -7.37 -5.74
C VAL A 93 -7.24 -8.85 -6.08
N GLU A 94 -8.41 -9.49 -6.04
CA GLU A 94 -8.51 -10.90 -6.36
C GLU A 94 -8.12 -11.15 -7.81
N GLU A 95 -8.59 -10.27 -8.70
CA GLU A 95 -8.29 -10.38 -10.12
C GLU A 95 -6.81 -10.08 -10.37
N LEU A 96 -6.26 -9.18 -9.57
CA LEU A 96 -4.85 -8.82 -9.69
C LEU A 96 -3.97 -10.06 -9.57
N PHE A 97 -4.21 -10.85 -8.53
CA PHE A 97 -3.45 -12.06 -8.30
C PHE A 97 -4.32 -13.30 -8.49
N ARG A 98 -4.75 -13.52 -9.73
CA ARG A 98 -5.59 -14.68 -10.05
C ARG A 98 -4.77 -15.96 -10.05
N ASP A 99 -3.77 -16.02 -10.92
CA ASP A 99 -2.92 -17.19 -11.03
C ASP A 99 -1.84 -17.18 -9.95
N GLY A 100 -0.84 -16.33 -10.13
CA GLY A 100 0.24 -16.24 -9.16
C GLY A 100 0.59 -14.81 -8.82
N VAL A 101 1.40 -14.63 -7.79
CA VAL A 101 1.82 -13.30 -7.36
C VAL A 101 3.24 -12.98 -7.80
N ASN A 102 3.56 -11.69 -7.85
CA ASN A 102 4.88 -11.23 -8.25
C ASN A 102 5.03 -9.76 -7.89
N TRP A 103 6.28 -9.28 -7.82
CA TRP A 103 6.54 -7.88 -7.48
C TRP A 103 5.61 -6.95 -8.25
N GLY A 104 5.73 -6.98 -9.57
CA GLY A 104 4.89 -6.13 -10.41
C GLY A 104 3.45 -6.12 -9.96
N ARG A 105 2.89 -7.31 -9.74
CA ARG A 105 1.52 -7.43 -9.28
C ARG A 105 1.35 -6.73 -7.93
N ILE A 106 2.15 -7.12 -6.95
CA ILE A 106 2.09 -6.52 -5.62
C ILE A 106 2.07 -5.01 -5.72
N VAL A 107 2.98 -4.45 -6.51
CA VAL A 107 3.05 -3.02 -6.71
C VAL A 107 1.77 -2.47 -7.33
N ALA A 108 1.07 -3.32 -8.07
CA ALA A 108 -0.18 -2.93 -8.71
C ALA A 108 -1.27 -2.75 -7.67
N PHE A 109 -1.63 -3.83 -6.99
CA PHE A 109 -2.66 -3.79 -5.96
C PHE A 109 -2.40 -2.64 -4.99
N PHE A 110 -1.13 -2.44 -4.66
CA PHE A 110 -0.74 -1.37 -3.76
C PHE A 110 -1.25 -0.02 -4.27
N GLU A 111 -0.98 0.24 -5.55
CA GLU A 111 -1.41 1.49 -6.18
C GLU A 111 -2.94 1.55 -6.24
N PHE A 112 -3.57 0.41 -6.46
CA PHE A 112 -5.02 0.34 -6.53
C PHE A 112 -5.65 0.76 -5.21
N GLY A 113 -5.21 0.14 -4.11
CA GLY A 113 -5.74 0.47 -2.81
C GLY A 113 -5.75 1.97 -2.56
N GLY A 114 -4.68 2.64 -2.96
CA GLY A 114 -4.60 4.07 -2.78
C GLY A 114 -5.63 4.80 -3.62
N VAL A 115 -5.76 4.38 -4.87
CA VAL A 115 -6.73 4.98 -5.78
C VAL A 115 -8.12 4.98 -5.15
N MET A 116 -8.46 3.86 -4.51
CA MET A 116 -9.76 3.72 -3.86
C MET A 116 -9.79 4.50 -2.55
N CYS A 117 -8.68 4.45 -1.81
CA CYS A 117 -8.59 5.15 -0.54
C CYS A 117 -8.86 6.64 -0.72
N VAL A 118 -8.36 7.19 -1.81
CA VAL A 118 -8.56 8.61 -2.10
C VAL A 118 -9.97 8.85 -2.63
N GLU A 119 -10.50 7.87 -3.35
CA GLU A 119 -11.84 7.98 -3.91
C GLU A 119 -12.83 8.42 -2.84
N SER A 120 -12.78 7.77 -1.69
CA SER A 120 -13.66 8.10 -0.58
C SER A 120 -13.52 9.57 -0.22
N VAL A 121 -12.30 10.09 -0.33
CA VAL A 121 -12.03 11.49 -0.01
C VAL A 121 -12.62 12.42 -1.08
N ASN A 122 -12.85 11.88 -2.28
CA ASN A 122 -13.41 12.65 -3.37
C ASN A 122 -14.74 13.29 -2.96
N ARG A 123 -15.69 12.44 -2.58
CA ARG A 123 -17.01 12.91 -2.16
C ARG A 123 -16.98 13.44 -0.73
N GLU A 124 -16.91 12.53 0.23
CA GLU A 124 -16.88 12.90 1.64
C GLU A 124 -16.71 11.67 2.53
N MET A 125 -15.58 11.00 2.38
CA MET A 125 -15.28 9.81 3.18
C MET A 125 -13.78 9.67 3.41
N SER A 126 -13.13 10.79 3.73
CA SER A 126 -11.70 10.80 3.99
C SER A 126 -11.29 9.67 4.93
N PRO A 127 -11.94 9.58 6.11
CA PRO A 127 -11.64 8.55 7.11
C PRO A 127 -11.58 7.15 6.50
N LEU A 128 -12.34 6.95 5.42
CA LEU A 128 -12.38 5.65 4.76
C LEU A 128 -10.97 5.13 4.46
N VAL A 129 -10.05 6.04 4.16
CA VAL A 129 -8.68 5.66 3.87
C VAL A 129 -8.14 4.72 4.93
N ASP A 130 -8.61 4.88 6.16
CA ASP A 130 -8.20 4.03 7.27
C ASP A 130 -8.70 2.61 7.05
N ASN A 131 -9.99 2.48 6.78
CA ASN A 131 -10.59 1.17 6.54
C ASN A 131 -9.95 0.51 5.33
N ILE A 132 -9.47 1.32 4.40
CA ILE A 132 -8.82 0.80 3.20
C ILE A 132 -7.47 0.21 3.55
N ALA A 133 -6.57 1.04 4.07
CA ALA A 133 -5.24 0.57 4.46
C ALA A 133 -5.35 -0.70 5.29
N LEU A 134 -6.43 -0.79 6.07
CA LEU A 134 -6.68 -1.94 6.90
C LEU A 134 -6.80 -3.20 6.06
N TRP A 135 -7.80 -3.22 5.18
CA TRP A 135 -8.03 -4.36 4.30
C TRP A 135 -6.79 -4.65 3.47
N MET A 136 -6.22 -3.60 2.89
CA MET A 136 -5.02 -3.75 2.07
C MET A 136 -3.97 -4.57 2.82
N THR A 137 -3.90 -4.39 4.13
CA THR A 137 -2.96 -5.12 4.96
C THR A 137 -3.38 -6.57 5.12
N GLU A 138 -4.69 -6.79 5.26
CA GLU A 138 -5.23 -8.13 5.42
C GLU A 138 -4.93 -9.01 4.22
N TYR A 139 -5.31 -8.55 3.03
CA TYR A 139 -5.08 -9.29 1.82
C TYR A 139 -3.59 -9.43 1.54
N LEU A 140 -2.91 -8.30 1.44
CA LEU A 140 -1.47 -8.26 1.17
C LEU A 140 -0.73 -9.31 1.99
N ASN A 141 -1.05 -9.40 3.28
CA ASN A 141 -0.39 -10.37 4.16
C ASN A 141 -0.98 -11.76 3.98
N ARG A 142 -2.28 -11.82 3.73
CA ARG A 142 -2.97 -13.09 3.56
C ARG A 142 -2.62 -13.78 2.24
N HIS A 143 -1.87 -13.10 1.36
CA HIS A 143 -1.51 -13.69 0.08
C HIS A 143 -0.10 -13.33 -0.40
N LEU A 144 0.35 -12.11 -0.12
CA LEU A 144 1.67 -11.68 -0.57
C LEU A 144 2.75 -12.00 0.46
N HIS A 145 2.48 -11.70 1.72
CA HIS A 145 3.45 -11.96 2.79
C HIS A 145 4.05 -13.35 2.67
N THR A 146 3.26 -14.28 2.16
CA THR A 146 3.71 -15.65 1.98
C THR A 146 4.64 -15.75 0.77
N TRP A 147 4.21 -15.15 -0.34
CA TRP A 147 4.99 -15.15 -1.56
C TRP A 147 6.26 -14.30 -1.41
N ILE A 148 6.18 -13.30 -0.54
CA ILE A 148 7.30 -12.41 -0.29
C ILE A 148 8.29 -13.03 0.69
N GLN A 149 7.79 -13.40 1.87
CA GLN A 149 8.64 -14.00 2.91
C GLN A 149 9.26 -15.30 2.42
N ASP A 150 8.41 -16.24 2.01
CA ASP A 150 8.88 -17.53 1.53
C ASP A 150 9.97 -17.35 0.48
N ASN A 151 9.90 -16.25 -0.27
CA ASN A 151 10.88 -15.96 -1.30
C ASN A 151 11.75 -14.76 -0.92
N GLY A 152 12.33 -14.82 0.28
CA GLY A 152 13.18 -13.74 0.73
C GLY A 152 12.49 -12.83 1.74
N GLY A 153 11.82 -11.80 1.23
CA GLY A 153 11.13 -10.87 2.09
C GLY A 153 10.97 -9.49 1.47
N TRP A 154 10.83 -8.47 2.31
CA TRP A 154 10.67 -7.11 1.83
C TRP A 154 11.97 -6.60 1.19
N ASP A 155 13.09 -7.09 1.70
CA ASP A 155 14.40 -6.70 1.18
C ASP A 155 14.66 -7.38 -0.16
N ALA A 156 14.02 -8.54 -0.38
CA ALA A 156 14.19 -9.27 -1.62
C ALA A 156 13.86 -8.39 -2.82
N PHE A 157 12.89 -7.51 -2.64
CA PHE A 157 12.47 -6.60 -3.70
C PHE A 157 13.42 -5.42 -3.82
N VAL A 158 13.83 -4.88 -2.67
CA VAL A 158 14.74 -3.74 -2.64
C VAL A 158 16.09 -4.08 -3.28
N GLU A 159 16.45 -5.35 -3.27
CA GLU A 159 17.72 -5.79 -3.85
C GLU A 159 17.60 -5.91 -5.37
N LEU A 160 16.41 -6.26 -5.83
CA LEU A 160 16.16 -6.40 -7.26
C LEU A 160 15.93 -5.04 -7.92
N TYR A 161 15.43 -4.09 -7.14
CA TYR A 161 15.16 -2.76 -7.65
C TYR A 161 16.05 -1.72 -6.99
N GLY A 162 17.23 -2.16 -6.55
CA GLY A 162 18.17 -1.25 -5.91
C GLY A 162 18.43 0.00 -6.73
N PRO A 163 17.93 1.17 -6.31
CA PRO A 163 18.12 2.43 -7.03
C PRO A 163 19.54 2.59 -7.57
N SER A 164 19.70 3.46 -8.55
CA SER A 164 21.01 3.72 -9.15
C SER A 164 22.08 3.92 -8.09
N MET A 165 22.79 2.84 -7.75
CA MET A 165 23.86 2.89 -6.75
C MET A 165 23.41 3.67 -5.51
N ARG A 166 22.64 3.01 -4.65
CA ARG A 166 22.15 3.64 -3.43
C ARG A 166 21.26 4.83 -3.76
#